data_4Z83
#
_entry.id   4Z83
#
_cell.length_a   82.575
_cell.length_b   61.491
_cell.length_c   78.948
_cell.angle_alpha   90.00
_cell.angle_beta   90.00
_cell.angle_gamma   90.00
#
_symmetry.space_group_name_H-M   'P 21 21 21'
#
loop_
_entity.id
_entity.type
_entity.pdbx_description
1 polymer 'cAMP-dependent protein kinase catalytic subunit alpha'
2 polymer 'cAMP-dependent protein kinase inhibitor alpha'
3 non-polymer 7-{(3S,4R)-4-[(5-bromothiophen-2-yl)carbonyl]pyrrolidin-3-yl}quinazolin-4(3H)-one
4 water water
#
loop_
_entity_poly.entity_id
_entity_poly.type
_entity_poly.pdbx_seq_one_letter_code
_entity_poly.pdbx_strand_id
1 'polypeptide(L)'
;GNAAAAKKGSEQESVKEFLAKAKEDFLKKWENPAQNTAHLDQFERIKTLGTGSFGRVMLVKHMETGNHYAMKILDKQKVV
KLKQIEHTLNEKRILQAVNFPFLVKLEFSFKDNSNLYMVMEYAPGGEMFSHLRRIGRFSEPHARFYAAQIVLTFEYLHSL
DLIYRDLKPENLMIDQQGYIKVTDFGFAKRVKGRTW(TPO)LCGTPEYLAPEIILSKGYNKAVDWWALGVLIYEMAAGYP
PFFADQPIQIYEKIVSGKVRFPSHFSSDLKDLLRNLLQVDLTKRFGNLKNGVNDIKNHKWFATTDWIAIYQRKVEAPFIP
KFKGPGDTSNFDDYEEEEIRV(SEP)INEKCGKEFSEF
;
E
2 'polypeptide(L)' TTYADFIASGRTGRRNAIHD I
#
loop_
_chem_comp.id
_chem_comp.type
_chem_comp.name
_chem_comp.formula
4L7 non-polymer 7-{(3S,4R)-4-[(5-bromothiophen-2-yl)carbonyl]pyrrolidin-3-yl}quinazolin-4(3H)-one 'C17 H14 Br N3 O2 S'
#
# COMPACT_ATOMS: atom_id res chain seq x y z
N SER A 14 21.45 -16.41 7.47
CA SER A 14 21.63 -15.83 6.14
C SER A 14 20.30 -15.36 5.51
N VAL A 15 20.40 -14.54 4.47
CA VAL A 15 19.22 -13.99 3.79
C VAL A 15 18.39 -15.12 3.22
N LYS A 16 19.06 -16.02 2.50
CA LYS A 16 18.39 -17.16 1.88
C LYS A 16 17.67 -17.99 2.94
N GLU A 17 18.32 -18.19 4.08
CA GLU A 17 17.73 -18.95 5.18
C GLU A 17 16.53 -18.23 5.75
N PHE A 18 16.60 -16.91 5.79
CA PHE A 18 15.51 -16.13 6.37
C PHE A 18 14.26 -16.19 5.49
N LEU A 19 14.46 -16.04 4.18
CA LEU A 19 13.36 -16.00 3.24
C LEU A 19 12.74 -17.39 3.07
N ALA A 20 13.57 -18.42 3.17
CA ALA A 20 13.08 -19.80 3.09
C ALA A 20 12.13 -20.08 4.25
N LYS A 21 12.51 -19.67 5.45
CA LYS A 21 11.64 -19.85 6.62
C LYS A 21 10.39 -18.98 6.49
N ALA A 22 10.55 -17.78 5.94
CA ALA A 22 9.42 -16.89 5.77
C ALA A 22 8.40 -17.50 4.81
N LYS A 23 8.88 -18.19 3.78
CA LYS A 23 7.98 -18.84 2.82
C LYS A 23 7.27 -20.03 3.45
N GLU A 24 8.00 -20.78 4.27
CA GLU A 24 7.42 -21.89 5.00
C GLU A 24 6.27 -21.42 5.89
N ASP A 25 6.53 -20.39 6.69
CA ASP A 25 5.50 -19.81 7.55
C ASP A 25 4.31 -19.33 6.71
N PHE A 26 4.59 -18.64 5.62
CA PHE A 26 3.53 -18.08 4.78
C PHE A 26 2.65 -19.15 4.14
N LEU A 27 3.27 -20.19 3.62
CA LEU A 27 2.54 -21.23 2.91
C LEU A 27 1.62 -22.02 3.82
N LYS A 28 1.99 -22.19 5.08
CA LYS A 28 1.13 -22.92 6.00
C LYS A 28 -0.17 -22.17 6.20
N LYS A 29 -0.07 -20.86 6.45
CA LYS A 29 -1.24 -20.01 6.67
C LYS A 29 -2.03 -19.79 5.37
N TRP A 30 -1.32 -19.73 4.25
CA TRP A 30 -1.93 -19.57 2.93
C TRP A 30 -2.81 -20.77 2.61
N GLU A 31 -2.32 -21.96 2.94
CA GLU A 31 -3.08 -23.18 2.68
C GLU A 31 -4.12 -23.50 3.75
N ASN A 32 -4.01 -22.88 4.92
CA ASN A 32 -4.97 -23.07 6.01
C ASN A 32 -5.31 -21.77 6.70
N PRO A 33 -6.01 -20.86 5.99
CA PRO A 33 -6.24 -19.50 6.48
C PRO A 33 -7.05 -19.45 7.77
N ALA A 34 -6.69 -18.50 8.63
CA ALA A 34 -7.44 -18.23 9.84
C ALA A 34 -8.80 -17.65 9.44
N GLN A 35 -9.82 -17.98 10.21
CA GLN A 35 -11.18 -17.65 9.83
C GLN A 35 -12.04 -17.50 11.09
N ASN A 36 -12.88 -16.47 11.12
CA ASN A 36 -13.82 -16.28 12.23
C ASN A 36 -13.14 -16.23 13.58
N THR A 37 -12.27 -15.25 13.78
CA THR A 37 -11.45 -15.21 14.98
C THR A 37 -11.90 -14.11 15.95
N ALA A 38 -13.03 -13.48 15.65
CA ALA A 38 -13.63 -12.49 16.55
C ALA A 38 -15.08 -12.23 16.17
N HIS A 39 -15.72 -11.35 16.93
CA HIS A 39 -17.12 -10.95 16.69
C HIS A 39 -17.23 -9.43 16.82
N LEU A 40 -18.19 -8.84 16.12
CA LEU A 40 -18.34 -7.39 16.10
C LEU A 40 -18.54 -6.81 17.50
N ASP A 41 -19.25 -7.55 18.34
CA ASP A 41 -19.64 -7.05 19.65
C ASP A 41 -18.47 -7.05 20.63
N GLN A 42 -17.30 -7.53 20.19
CA GLN A 42 -16.10 -7.47 21.02
C GLN A 42 -15.37 -6.13 20.91
N PHE A 43 -15.88 -5.23 20.07
CA PHE A 43 -15.23 -3.95 19.80
C PHE A 43 -16.20 -2.78 19.97
N GLU A 44 -15.70 -1.67 20.49
CA GLU A 44 -16.42 -0.41 20.46
C GLU A 44 -15.90 0.43 19.30
N ARG A 45 -16.80 0.88 18.43
CA ARG A 45 -16.41 1.73 17.30
C ARG A 45 -16.26 3.17 17.75
N ILE A 46 -15.12 3.78 17.41
CA ILE A 46 -14.80 5.11 17.89
C ILE A 46 -14.95 6.17 16.80
N LYS A 47 -14.25 5.99 15.67
CA LYS A 47 -14.25 7.01 14.63
C LYS A 47 -13.76 6.45 13.29
N THR A 48 -14.28 6.98 12.19
CA THR A 48 -13.81 6.57 10.86
C THR A 48 -12.42 7.17 10.57
N LEU A 49 -11.52 6.30 10.09
CA LEU A 49 -10.14 6.69 9.75
C LEU A 49 -9.89 6.80 8.25
N GLY A 50 -10.84 6.29 7.47
CA GLY A 50 -10.70 6.28 6.02
C GLY A 50 -11.88 5.58 5.37
N THR A 51 -12.09 5.82 4.07
CA THR A 51 -13.26 5.30 3.35
C THR A 51 -12.91 4.82 1.96
N GLY A 52 -13.80 4.02 1.38
CA GLY A 52 -13.61 3.51 0.05
C GLY A 52 -14.95 3.30 -0.62
N SER A 53 -14.94 2.74 -1.82
CA SER A 53 -16.17 2.62 -2.61
C SER A 53 -17.14 1.60 -2.01
N PHE A 54 -16.62 0.61 -1.31
CA PHE A 54 -17.46 -0.44 -0.71
C PHE A 54 -17.17 -0.70 0.77
N GLY A 55 -16.66 0.30 1.48
CA GLY A 55 -16.39 0.13 2.89
C GLY A 55 -15.65 1.28 3.56
N ARG A 56 -15.23 1.05 4.79
CA ARG A 56 -14.53 2.07 5.55
C ARG A 56 -13.64 1.40 6.60
N VAL A 57 -12.69 2.17 7.14
CA VAL A 57 -11.85 1.72 8.24
C VAL A 57 -12.13 2.59 9.45
N MET A 58 -12.45 1.93 10.57
CA MET A 58 -12.77 2.63 11.81
C MET A 58 -11.77 2.30 12.90
N LEU A 59 -11.40 3.32 13.67
CA LEU A 59 -10.70 3.08 14.92
C LEU A 59 -11.67 2.36 15.85
N VAL A 60 -11.25 1.24 16.42
CA VAL A 60 -12.06 0.51 17.40
C VAL A 60 -11.24 0.16 18.62
N LYS A 61 -11.91 -0.12 19.72
CA LYS A 61 -11.24 -0.56 20.93
C LYS A 61 -11.74 -1.95 21.29
N HIS A 62 -10.80 -2.88 21.43
CA HIS A 62 -11.10 -4.21 21.94
C HIS A 62 -11.43 -4.08 23.42
N MET A 63 -12.71 -4.20 23.74
CA MET A 63 -13.20 -3.92 25.10
C MET A 63 -12.57 -4.79 26.18
N GLU A 64 -12.14 -5.98 25.82
CA GLU A 64 -11.55 -6.90 26.79
C GLU A 64 -10.15 -6.43 27.20
N THR A 65 -9.28 -6.20 26.21
CA THR A 65 -7.89 -5.84 26.47
C THR A 65 -7.67 -4.33 26.47
N GLY A 66 -8.64 -3.59 25.95
CA GLY A 66 -8.52 -2.15 25.82
C GLY A 66 -7.60 -1.74 24.70
N ASN A 67 -7.12 -2.71 23.93
CA ASN A 67 -6.27 -2.41 22.78
C ASN A 67 -7.06 -1.74 21.66
N HIS A 68 -6.42 -0.79 20.98
CA HIS A 68 -7.04 -0.12 19.84
C HIS A 68 -6.61 -0.79 18.53
N TYR A 69 -7.54 -0.89 17.59
CA TYR A 69 -7.28 -1.44 16.27
C TYR A 69 -7.94 -0.60 15.18
N ALA A 70 -7.60 -0.89 13.94
CA ALA A 70 -8.23 -0.31 12.75
C ALA A 70 -9.05 -1.40 12.06
N MET A 71 -10.37 -1.28 12.14
CA MET A 71 -11.27 -2.29 11.59
C MET A 71 -11.83 -1.87 10.24
N LYS A 72 -11.45 -2.60 9.21
CA LYS A 72 -12.02 -2.40 7.90
C LYS A 72 -13.36 -3.09 7.85
N ILE A 73 -14.38 -2.34 7.43
CA ILE A 73 -15.73 -2.83 7.31
C ILE A 73 -16.16 -2.77 5.86
N LEU A 74 -16.37 -3.94 5.25
CA LEU A 74 -16.74 -4.01 3.84
C LEU A 74 -18.17 -4.49 3.68
N ASP A 75 -18.97 -3.70 2.97
CA ASP A 75 -20.35 -4.05 2.64
C ASP A 75 -20.34 -5.15 1.57
N LYS A 76 -20.84 -6.33 1.89
CA LYS A 76 -20.77 -7.46 0.96
C LYS A 76 -21.50 -7.20 -0.35
N GLN A 77 -22.67 -6.58 -0.28
CA GLN A 77 -23.45 -6.30 -1.48
C GLN A 77 -22.70 -5.33 -2.40
N LYS A 78 -21.99 -4.37 -1.82
CA LYS A 78 -21.25 -3.39 -2.62
C LYS A 78 -20.03 -4.05 -3.26
N VAL A 79 -19.41 -4.98 -2.57
CA VAL A 79 -18.28 -5.70 -3.15
C VAL A 79 -18.73 -6.46 -4.40
N VAL A 80 -19.86 -7.16 -4.28
CA VAL A 80 -20.40 -7.95 -5.39
C VAL A 80 -20.75 -7.05 -6.55
N LYS A 81 -21.44 -5.95 -6.24
CA LYS A 81 -21.87 -5.00 -7.26
C LYS A 81 -20.70 -4.44 -8.04
N LEU A 82 -19.58 -4.23 -7.35
CA LEU A 82 -18.38 -3.66 -7.95
C LEU A 82 -17.39 -4.72 -8.46
N LYS A 83 -17.82 -5.97 -8.42
CA LYS A 83 -17.06 -7.07 -8.98
C LYS A 83 -15.69 -7.24 -8.32
N GLN A 84 -15.65 -7.06 -7.00
CA GLN A 84 -14.40 -7.16 -6.27
C GLN A 84 -14.35 -8.34 -5.31
N ILE A 85 -15.13 -9.37 -5.62
CA ILE A 85 -15.21 -10.53 -4.74
C ILE A 85 -13.86 -11.23 -4.63
N GLU A 86 -13.30 -11.60 -5.77
CA GLU A 86 -12.04 -12.32 -5.80
C GLU A 86 -10.92 -11.48 -5.21
N HIS A 87 -10.91 -10.19 -5.52
CA HIS A 87 -9.90 -9.29 -4.98
C HIS A 87 -9.99 -9.20 -3.45
N THR A 88 -11.20 -9.26 -2.91
CA THR A 88 -11.39 -9.17 -1.48
C THR A 88 -10.97 -10.46 -0.79
N LEU A 89 -11.24 -11.59 -1.43
CA LEU A 89 -10.81 -12.88 -0.90
C LEU A 89 -9.29 -12.96 -0.93
N ASN A 90 -8.69 -12.46 -2.01
CA ASN A 90 -7.24 -12.35 -2.10
C ASN A 90 -6.69 -11.56 -0.90
N GLU A 91 -7.25 -10.37 -0.70
CA GLU A 91 -6.75 -9.44 0.31
C GLU A 91 -6.69 -10.13 1.67
N LYS A 92 -7.79 -10.75 2.08
CA LYS A 92 -7.83 -11.36 3.40
C LYS A 92 -6.94 -12.61 3.51
N ARG A 93 -6.95 -13.45 2.48
CA ARG A 93 -6.15 -14.67 2.52
C ARG A 93 -4.66 -14.35 2.57
N ILE A 94 -4.25 -13.34 1.83
CA ILE A 94 -2.84 -12.95 1.80
C ILE A 94 -2.47 -12.28 3.12
N LEU A 95 -3.28 -11.33 3.59
CA LEU A 95 -2.87 -10.51 4.70
C LEU A 95 -2.78 -11.35 5.99
N GLN A 96 -3.64 -12.36 6.14
CA GLN A 96 -3.58 -13.22 7.31
C GLN A 96 -2.36 -14.14 7.27
N ALA A 97 -1.73 -14.25 6.10
CA ALA A 97 -0.63 -15.21 5.93
C ALA A 97 0.76 -14.56 6.05
N VAL A 98 0.85 -13.25 5.87
CA VAL A 98 2.15 -12.56 5.85
C VAL A 98 2.59 -12.03 7.22
N ASN A 99 3.89 -11.74 7.31
CA ASN A 99 4.55 -11.34 8.55
C ASN A 99 5.85 -10.60 8.20
N PHE A 100 5.85 -9.28 8.36
CA PHE A 100 7.00 -8.46 8.01
C PHE A 100 6.89 -7.14 8.78
N PRO A 101 8.02 -6.55 9.18
CA PRO A 101 7.92 -5.41 10.10
C PRO A 101 7.21 -4.21 9.49
N PHE A 102 7.19 -4.12 8.16
CA PHE A 102 6.62 -2.95 7.51
C PHE A 102 5.27 -3.26 6.86
N LEU A 103 4.69 -4.39 7.21
CA LEU A 103 3.31 -4.72 6.81
C LEU A 103 2.39 -4.57 8.01
N VAL A 104 1.24 -3.94 7.80
CA VAL A 104 0.22 -3.91 8.83
C VAL A 104 -0.15 -5.35 9.16
N LYS A 105 -0.38 -5.62 10.44
CA LYS A 105 -0.76 -6.94 10.90
C LYS A 105 -2.27 -7.09 10.84
N LEU A 106 -2.74 -8.25 10.39
CA LEU A 106 -4.17 -8.57 10.46
C LEU A 106 -4.40 -9.36 11.74
N GLU A 107 -5.06 -8.73 12.70
CA GLU A 107 -5.19 -9.31 14.03
C GLU A 107 -6.36 -10.30 14.12
N PHE A 108 -7.51 -9.90 13.58
CA PHE A 108 -8.71 -10.75 13.52
C PHE A 108 -9.44 -10.53 12.19
N SER A 109 -10.25 -11.51 11.80
CA SER A 109 -11.22 -11.31 10.73
C SER A 109 -12.49 -12.11 11.01
N PHE A 110 -13.62 -11.59 10.55
CA PHE A 110 -14.91 -12.24 10.69
C PHE A 110 -15.91 -11.57 9.76
N LYS A 111 -17.10 -12.13 9.69
CA LYS A 111 -18.15 -11.63 8.84
C LYS A 111 -19.48 -11.84 9.54
N ASP A 112 -20.46 -11.03 9.16
CA ASP A 112 -21.84 -11.24 9.61
C ASP A 112 -22.79 -11.19 8.42
N ASN A 113 -24.07 -10.97 8.66
CA ASN A 113 -25.04 -11.04 7.57
C ASN A 113 -24.76 -10.04 6.44
N SER A 114 -24.24 -8.87 6.79
CA SER A 114 -24.11 -7.77 5.83
C SER A 114 -22.67 -7.46 5.45
N ASN A 115 -21.74 -7.65 6.38
CA ASN A 115 -20.38 -7.12 6.20
C ASN A 115 -19.25 -8.11 6.39
N LEU A 116 -18.10 -7.77 5.79
CA LEU A 116 -16.84 -8.44 6.06
C LEU A 116 -16.05 -7.55 7.00
N TYR A 117 -15.28 -8.16 7.90
CA TYR A 117 -14.50 -7.40 8.86
C TYR A 117 -13.06 -7.87 8.92
N MET A 118 -12.15 -6.91 8.78
CA MET A 118 -10.72 -7.15 8.96
C MET A 118 -10.20 -6.17 10.00
N VAL A 119 -9.81 -6.72 11.14
CA VAL A 119 -9.31 -5.92 12.25
C VAL A 119 -7.80 -5.91 12.20
N MET A 120 -7.27 -4.74 11.86
CA MET A 120 -5.85 -4.57 11.63
C MET A 120 -5.18 -3.75 12.72
N GLU A 121 -3.87 -3.82 12.75
CA GLU A 121 -3.06 -2.98 13.60
C GLU A 121 -3.34 -1.52 13.27
N TYR A 122 -3.51 -0.71 14.30
CA TYR A 122 -3.75 0.72 14.15
C TYR A 122 -2.42 1.46 14.05
N ALA A 123 -2.32 2.37 13.09
CA ALA A 123 -1.12 3.17 12.90
C ALA A 123 -1.41 4.62 13.23
N PRO A 124 -1.07 5.07 14.44
CA PRO A 124 -1.54 6.38 14.90
C PRO A 124 -0.93 7.57 14.17
N GLY A 125 0.12 7.35 13.39
CA GLY A 125 0.78 8.42 12.66
C GLY A 125 0.03 8.91 11.42
N GLY A 126 -1.01 8.18 11.03
CA GLY A 126 -1.79 8.53 9.87
C GLY A 126 -1.13 8.10 8.56
N GLU A 127 -1.68 8.60 7.46
CA GLU A 127 -1.17 8.28 6.13
C GLU A 127 0.01 9.16 5.75
N MET A 128 0.98 8.60 5.03
CA MET A 128 2.06 9.38 4.44
C MET A 128 1.49 10.53 3.60
N PHE A 129 0.49 10.23 2.79
CA PHE A 129 -0.22 11.21 1.98
C PHE A 129 -0.50 12.52 2.71
N SER A 130 -1.04 12.41 3.92
CA SER A 130 -1.41 13.60 4.70
C SER A 130 -0.21 14.47 5.02
N HIS A 131 0.88 13.84 5.45
CA HIS A 131 2.11 14.56 5.79
C HIS A 131 2.81 15.14 4.56
N LEU A 132 2.87 14.36 3.50
CA LEU A 132 3.49 14.79 2.24
C LEU A 132 2.79 16.00 1.65
N ARG A 133 1.46 15.96 1.60
CA ARG A 133 0.73 17.08 1.01
C ARG A 133 0.92 18.32 1.88
N ARG A 134 0.86 18.15 3.21
CA ARG A 134 0.96 19.29 4.10
C ARG A 134 2.31 19.99 4.00
N ILE A 135 3.40 19.24 4.09
CA ILE A 135 4.70 19.90 4.08
C ILE A 135 5.19 20.20 2.65
N GLY A 136 4.59 19.58 1.65
CA GLY A 136 4.90 19.87 0.26
C GLY A 136 5.70 18.76 -0.41
N ARG A 137 6.95 18.60 0.02
CA ARG A 137 7.79 17.49 -0.42
C ARG A 137 8.70 17.03 0.72
N PHE A 138 9.24 15.82 0.62
CA PHE A 138 10.24 15.33 1.58
C PHE A 138 11.64 15.61 1.02
N SER A 139 12.60 15.82 1.90
CA SER A 139 14.00 15.85 1.51
C SER A 139 14.42 14.48 0.96
N GLU A 140 15.55 14.42 0.25
CA GLU A 140 15.95 13.14 -0.31
C GLU A 140 16.28 12.14 0.79
N PRO A 141 16.93 12.59 1.89
CA PRO A 141 17.18 11.59 2.96
C PRO A 141 15.87 11.06 3.58
N HIS A 142 14.88 11.93 3.71
CA HIS A 142 13.59 11.58 4.25
C HIS A 142 12.88 10.58 3.35
N ALA A 143 12.89 10.86 2.05
CA ALA A 143 12.29 10.00 1.04
C ALA A 143 13.02 8.66 0.95
N ARG A 144 14.35 8.72 1.01
CA ARG A 144 15.17 7.51 0.97
C ARG A 144 14.89 6.54 2.13
N PHE A 145 14.68 7.11 3.31
CA PHE A 145 14.34 6.33 4.50
C PHE A 145 13.07 5.51 4.29
N TYR A 146 12.04 6.15 3.74
CA TYR A 146 10.79 5.46 3.44
C TYR A 146 10.98 4.48 2.28
N ALA A 147 11.67 4.91 1.24
CA ALA A 147 11.88 4.07 0.05
C ALA A 147 12.56 2.76 0.42
N ALA A 148 13.55 2.82 1.30
CA ALA A 148 14.29 1.63 1.73
C ALA A 148 13.35 0.60 2.36
N GLN A 149 12.35 1.07 3.10
CA GLN A 149 11.44 0.15 3.76
C GLN A 149 10.55 -0.51 2.72
N ILE A 150 10.18 0.24 1.68
CA ILE A 150 9.38 -0.34 0.60
C ILE A 150 10.20 -1.36 -0.20
N VAL A 151 11.48 -1.07 -0.43
CA VAL A 151 12.31 -2.00 -1.18
C VAL A 151 12.36 -3.36 -0.46
N LEU A 152 12.57 -3.32 0.85
CA LEU A 152 12.63 -4.57 1.64
C LEU A 152 11.27 -5.28 1.67
N THR A 153 10.20 -4.51 1.77
CA THR A 153 8.86 -5.07 1.78
C THR A 153 8.56 -5.77 0.46
N PHE A 154 8.92 -5.17 -0.67
CA PHE A 154 8.66 -5.79 -1.97
C PHE A 154 9.55 -7.03 -2.17
N GLU A 155 10.79 -6.97 -1.69
CA GLU A 155 11.67 -8.14 -1.68
C GLU A 155 10.99 -9.32 -0.96
N TYR A 156 10.43 -9.04 0.22
CA TYR A 156 9.72 -10.05 0.99
C TYR A 156 8.48 -10.58 0.24
N LEU A 157 7.58 -9.67 -0.14
CA LEU A 157 6.38 -10.05 -0.86
C LEU A 157 6.65 -10.81 -2.15
N HIS A 158 7.58 -10.32 -2.96
CA HIS A 158 7.85 -10.95 -4.24
C HIS A 158 8.38 -12.36 -4.06
N SER A 159 9.10 -12.59 -2.97
CA SER A 159 9.65 -13.92 -2.71
C SER A 159 8.55 -14.93 -2.42
N LEU A 160 7.38 -14.42 -2.05
CA LEU A 160 6.22 -15.27 -1.79
C LEU A 160 5.31 -15.36 -3.03
N ASP A 161 5.79 -14.85 -4.16
CA ASP A 161 5.03 -14.76 -5.41
C ASP A 161 3.82 -13.82 -5.32
N LEU A 162 3.93 -12.82 -4.46
CA LEU A 162 2.88 -11.84 -4.27
C LEU A 162 3.23 -10.55 -5.04
N ILE A 163 2.27 -10.03 -5.79
CA ILE A 163 2.35 -8.68 -6.33
C ILE A 163 1.38 -7.78 -5.53
N TYR A 164 1.84 -6.58 -5.18
CA TYR A 164 1.07 -5.69 -4.32
C TYR A 164 0.07 -4.81 -5.10
N ARG A 165 0.57 -4.13 -6.14
CA ARG A 165 -0.26 -3.46 -7.13
C ARG A 165 -1.04 -2.23 -6.68
N ASP A 166 -0.81 -1.70 -5.49
CA ASP A 166 -1.44 -0.42 -5.17
C ASP A 166 -0.57 0.46 -4.29
N LEU A 167 0.69 0.58 -4.66
CA LEU A 167 1.58 1.48 -3.94
C LEU A 167 1.20 2.94 -4.20
N LYS A 168 1.12 3.72 -3.12
CA LYS A 168 0.90 5.16 -3.16
C LYS A 168 0.90 5.66 -1.73
N PRO A 169 1.12 6.97 -1.54
CA PRO A 169 1.19 7.52 -0.17
C PRO A 169 -0.09 7.33 0.65
N GLU A 170 -1.24 7.24 -0.01
CA GLU A 170 -2.51 7.00 0.65
C GLU A 170 -2.55 5.62 1.32
N ASN A 171 -1.68 4.72 0.88
CA ASN A 171 -1.68 3.35 1.37
C ASN A 171 -0.50 3.03 2.27
N LEU A 172 0.25 4.06 2.66
CA LEU A 172 1.40 3.90 3.53
C LEU A 172 1.18 4.60 4.88
N MET A 173 1.02 3.79 5.92
CA MET A 173 0.78 4.31 7.25
C MET A 173 2.09 4.58 7.96
N ILE A 174 2.08 5.59 8.83
CA ILE A 174 3.23 5.89 9.69
C ILE A 174 2.92 5.43 11.10
N ASP A 175 3.81 4.62 11.68
CA ASP A 175 3.58 4.10 13.03
C ASP A 175 4.15 5.06 14.08
N GLN A 176 4.00 4.68 15.34
CA GLN A 176 4.46 5.50 16.47
C GLN A 176 5.97 5.80 16.43
N GLN A 177 6.74 4.93 15.79
CA GLN A 177 8.20 5.07 15.69
C GLN A 177 8.63 5.88 14.45
N GLY A 178 7.67 6.26 13.61
CA GLY A 178 7.96 7.02 12.41
C GLY A 178 8.29 6.12 11.23
N TYR A 179 8.17 4.81 11.44
CA TYR A 179 8.38 3.84 10.36
C TYR A 179 7.09 3.55 9.61
N ILE A 180 7.23 2.99 8.41
CA ILE A 180 6.09 2.71 7.56
C ILE A 180 5.42 1.39 7.88
N LYS A 181 4.09 1.39 7.74
CA LYS A 181 3.35 0.14 7.65
C LYS A 181 2.49 0.18 6.39
N VAL A 182 2.74 -0.77 5.50
CA VAL A 182 1.95 -0.89 4.28
C VAL A 182 0.62 -1.53 4.62
N THR A 183 -0.45 -0.95 4.08
CA THR A 183 -1.79 -1.51 4.24
C THR A 183 -2.47 -1.58 2.87
N ASP A 184 -3.80 -1.72 2.88
CA ASP A 184 -4.58 -1.82 1.65
C ASP A 184 -4.08 -2.90 0.68
N PHE A 185 -4.33 -4.16 1.03
CA PHE A 185 -3.98 -5.30 0.18
C PHE A 185 -5.11 -5.71 -0.78
N GLY A 186 -6.01 -4.77 -1.06
CA GLY A 186 -7.16 -5.04 -1.92
C GLY A 186 -6.87 -5.58 -3.31
N PHE A 187 -5.73 -5.21 -3.87
CA PHE A 187 -5.35 -5.67 -5.20
C PHE A 187 -4.18 -6.64 -5.14
N ALA A 188 -3.76 -7.02 -3.95
CA ALA A 188 -2.66 -7.98 -3.85
C ALA A 188 -3.11 -9.33 -4.40
N LYS A 189 -2.16 -10.04 -5.00
CA LYS A 189 -2.43 -11.27 -5.71
C LYS A 189 -1.21 -12.16 -5.68
N ARG A 190 -1.45 -13.45 -5.45
CA ARG A 190 -0.41 -14.46 -5.55
C ARG A 190 -0.43 -15.07 -6.94
N VAL A 191 0.62 -14.80 -7.68
CA VAL A 191 0.71 -15.22 -9.08
C VAL A 191 2.15 -15.54 -9.43
N LYS A 192 2.35 -16.68 -10.08
CA LYS A 192 3.70 -17.11 -10.46
C LYS A 192 4.06 -16.70 -11.88
N GLY A 193 3.08 -16.73 -12.79
CA GLY A 193 3.35 -16.28 -14.14
C GLY A 193 3.11 -14.80 -14.36
N ARG A 194 2.12 -14.50 -15.19
CA ARG A 194 1.70 -13.13 -15.44
C ARG A 194 0.20 -12.99 -15.24
N THR A 195 -0.24 -11.75 -15.10
CA THR A 195 -1.64 -11.43 -14.87
C THR A 195 -2.04 -10.22 -15.73
N TRP A 196 -3.33 -9.94 -15.78
CA TRP A 196 -3.93 -9.00 -16.75
C TRP A 196 -4.89 -7.96 -16.21
N TPO A 197 -5.26 -8.03 -14.94
CA TPO A 197 -6.28 -7.11 -14.43
CB TPO A 197 -6.69 -7.48 -13.00
CG2 TPO A 197 -7.82 -6.58 -12.53
OG1 TPO A 197 -7.17 -8.81 -12.98
P TPO A 197 -6.30 -9.74 -11.99
O1P TPO A 197 -6.76 -11.13 -12.23
O2P TPO A 197 -4.74 -9.66 -12.34
O3P TPO A 197 -6.51 -9.29 -10.47
C TPO A 197 -5.81 -5.68 -14.48
O TPO A 197 -4.73 -5.34 -13.98
H TPO A 197 -4.94 -8.58 -14.36
HA TPO A 197 -7.08 -7.19 -15.00
HB TPO A 197 -5.84 -7.39 -12.33
HG21 TPO A 197 -7.48 -5.54 -12.55
HG22 TPO A 197 -8.11 -6.84 -11.51
HG23 TPO A 197 -8.68 -6.69 -13.19
N LEU A 198 -6.62 -4.83 -15.09
CA LEU A 198 -6.43 -3.39 -15.02
C LEU A 198 -6.91 -2.89 -13.67
N CYS A 199 -5.97 -2.66 -12.77
CA CYS A 199 -6.30 -2.18 -11.44
C CYS A 199 -5.11 -1.44 -10.90
N GLY A 200 -5.36 -0.58 -9.92
CA GLY A 200 -4.34 0.26 -9.34
C GLY A 200 -4.85 1.68 -9.32
N THR A 201 -3.92 2.62 -9.24
CA THR A 201 -4.23 4.05 -9.29
C THR A 201 -3.54 4.66 -10.50
N PRO A 202 -4.26 5.47 -11.30
CA PRO A 202 -3.75 5.94 -12.59
C PRO A 202 -2.30 6.47 -12.57
N GLU A 203 -2.01 7.36 -11.64
CA GLU A 203 -0.67 7.95 -11.55
C GLU A 203 0.44 6.90 -11.39
N TYR A 204 0.07 5.72 -10.87
CA TYR A 204 1.06 4.70 -10.47
C TYR A 204 1.09 3.47 -11.39
N LEU A 205 0.27 3.46 -12.43
CA LEU A 205 0.25 2.32 -13.36
C LEU A 205 1.48 2.25 -14.23
N ALA A 206 2.11 1.08 -14.25
CA ALA A 206 3.19 0.80 -15.17
C ALA A 206 2.66 0.77 -16.61
N PRO A 207 3.50 1.11 -17.58
CA PRO A 207 3.05 1.12 -18.98
C PRO A 207 2.42 -0.22 -19.42
N GLU A 208 2.98 -1.34 -18.99
CA GLU A 208 2.51 -2.65 -19.46
C GLU A 208 1.09 -2.95 -19.00
N ILE A 209 0.67 -2.40 -17.86
CA ILE A 209 -0.71 -2.54 -17.43
C ILE A 209 -1.63 -1.78 -18.39
N ILE A 210 -1.28 -0.54 -18.68
CA ILE A 210 -2.05 0.31 -19.57
C ILE A 210 -2.16 -0.26 -20.99
N LEU A 211 -1.09 -0.83 -21.49
CA LEU A 211 -1.06 -1.38 -22.84
C LEU A 211 -1.65 -2.79 -22.91
N SER A 212 -2.20 -3.27 -21.80
CA SER A 212 -3.01 -4.50 -21.79
C SER A 212 -2.31 -5.68 -22.45
N LYS A 213 -1.11 -6.02 -21.99
CA LYS A 213 -0.33 -7.08 -22.63
C LYS A 213 0.14 -8.15 -21.63
N GLY A 214 -0.38 -8.08 -20.41
CA GLY A 214 0.07 -8.97 -19.35
C GLY A 214 1.26 -8.39 -18.63
N TYR A 215 1.39 -8.71 -17.35
CA TYR A 215 2.46 -8.13 -16.54
C TYR A 215 2.77 -8.96 -15.32
N ASN A 216 3.85 -8.58 -14.64
CA ASN A 216 4.33 -9.28 -13.45
C ASN A 216 4.76 -8.33 -12.33
N LYS A 217 5.52 -8.86 -11.37
CA LYS A 217 5.93 -8.11 -10.18
C LYS A 217 6.73 -6.84 -10.53
N ALA A 218 7.23 -6.76 -11.76
CA ALA A 218 7.95 -5.57 -12.21
C ALA A 218 7.11 -4.30 -12.16
N VAL A 219 5.77 -4.43 -12.18
CA VAL A 219 4.94 -3.23 -12.04
C VAL A 219 5.12 -2.60 -10.66
N ASP A 220 5.47 -3.40 -9.64
CA ASP A 220 5.70 -2.86 -8.30
C ASP A 220 6.94 -1.96 -8.27
N TRP A 221 7.97 -2.33 -9.02
CA TRP A 221 9.21 -1.57 -9.05
C TRP A 221 9.01 -0.26 -9.81
N TRP A 222 8.20 -0.29 -10.87
CA TRP A 222 7.77 0.94 -11.53
C TRP A 222 7.08 1.86 -10.52
N ALA A 223 6.12 1.30 -9.78
CA ALA A 223 5.37 2.07 -8.79
C ALA A 223 6.31 2.66 -7.73
N LEU A 224 7.35 1.93 -7.37
CA LEU A 224 8.35 2.46 -6.43
C LEU A 224 9.00 3.74 -6.99
N GLY A 225 9.29 3.73 -8.28
CA GLY A 225 9.80 4.91 -8.96
C GLY A 225 8.85 6.10 -8.89
N VAL A 226 7.57 5.84 -9.10
CA VAL A 226 6.57 6.90 -9.01
C VAL A 226 6.53 7.42 -7.58
N LEU A 227 6.59 6.52 -6.60
CA LEU A 227 6.48 6.95 -5.21
C LEU A 227 7.68 7.80 -4.78
N ILE A 228 8.89 7.37 -5.16
CA ILE A 228 10.09 8.12 -4.80
C ILE A 228 10.03 9.50 -5.44
N TYR A 229 9.66 9.55 -6.72
CA TYR A 229 9.50 10.83 -7.40
C TYR A 229 8.52 11.72 -6.63
N GLU A 230 7.34 11.19 -6.29
CA GLU A 230 6.31 12.02 -5.66
C GLU A 230 6.77 12.49 -4.29
N MET A 231 7.46 11.63 -3.55
CA MET A 231 7.94 11.99 -2.23
C MET A 231 8.95 13.13 -2.31
N ALA A 232 9.86 13.05 -3.29
CA ALA A 232 10.95 14.02 -3.42
C ALA A 232 10.53 15.31 -4.12
N ALA A 233 9.54 15.23 -5.02
CA ALA A 233 9.09 16.38 -5.79
C ALA A 233 7.88 17.09 -5.18
N GLY A 234 7.01 16.32 -4.53
CA GLY A 234 5.78 16.86 -3.99
C GLY A 234 4.62 16.66 -4.95
N TYR A 235 4.93 16.16 -6.13
CA TYR A 235 3.92 15.83 -7.13
C TYR A 235 4.42 14.64 -7.91
N PRO A 236 3.51 13.90 -8.54
CA PRO A 236 3.93 12.69 -9.23
C PRO A 236 4.50 13.00 -10.61
N PRO A 237 5.22 12.04 -11.22
CA PRO A 237 5.91 12.29 -12.48
C PRO A 237 4.94 12.44 -13.64
N PHE A 238 3.76 11.83 -13.53
CA PHE A 238 2.75 11.90 -14.58
C PHE A 238 1.41 12.32 -13.98
N PHE A 239 0.98 13.55 -14.20
CA PHE A 239 -0.33 13.99 -13.70
C PHE A 239 -1.00 14.84 -14.74
N ALA A 240 -2.33 14.88 -14.66
CA ALA A 240 -3.17 15.70 -15.53
C ALA A 240 -4.55 15.78 -14.87
N ASP A 241 -5.53 16.35 -15.57
CA ASP A 241 -6.88 16.47 -15.01
C ASP A 241 -7.66 15.16 -15.14
N GLN A 242 -7.42 14.43 -16.24
CA GLN A 242 -8.13 13.19 -16.52
C GLN A 242 -7.16 12.01 -16.66
N PRO A 243 -7.56 10.82 -16.22
CA PRO A 243 -6.71 9.61 -16.32
C PRO A 243 -6.16 9.36 -17.73
N ILE A 244 -6.97 9.58 -18.76
CA ILE A 244 -6.54 9.34 -20.12
C ILE A 244 -5.26 10.12 -20.46
N GLN A 245 -5.19 11.35 -19.99
CA GLN A 245 -4.03 12.20 -20.22
C GLN A 245 -2.83 11.68 -19.42
N ILE A 246 -3.10 11.12 -18.24
CA ILE A 246 -2.05 10.54 -17.42
C ILE A 246 -1.41 9.34 -18.14
N TYR A 247 -2.26 8.46 -18.67
CA TYR A 247 -1.81 7.27 -19.38
C TYR A 247 -0.91 7.59 -20.57
N GLU A 248 -1.23 8.66 -21.28
CA GLU A 248 -0.45 9.06 -22.45
C GLU A 248 0.96 9.46 -22.04
N LYS A 249 1.07 10.13 -20.91
CA LYS A 249 2.38 10.54 -20.42
C LYS A 249 3.19 9.34 -19.96
N ILE A 250 2.52 8.38 -19.32
CA ILE A 250 3.19 7.21 -18.74
C ILE A 250 3.91 6.41 -19.82
N VAL A 251 3.20 6.17 -20.92
CA VAL A 251 3.70 5.31 -22.00
C VAL A 251 4.71 6.03 -22.91
N SER A 252 4.77 7.36 -22.80
CA SER A 252 5.61 8.18 -23.68
C SER A 252 7.10 7.86 -23.57
N GLY A 253 7.53 7.43 -22.39
CA GLY A 253 8.93 7.15 -22.12
C GLY A 253 9.70 8.39 -21.73
N LYS A 254 8.98 9.46 -21.43
CA LYS A 254 9.58 10.74 -21.06
C LYS A 254 9.21 11.10 -19.62
N VAL A 255 10.19 11.60 -18.89
CA VAL A 255 9.98 12.05 -17.53
C VAL A 255 10.76 13.33 -17.39
N ARG A 256 10.19 14.30 -16.70
CA ARG A 256 10.88 15.55 -16.39
C ARG A 256 11.16 15.58 -14.90
N PHE A 257 12.37 15.99 -14.53
CA PHE A 257 12.77 16.03 -13.13
C PHE A 257 12.88 17.47 -12.62
N PRO A 258 12.45 17.74 -11.37
CA PRO A 258 12.72 19.06 -10.77
C PRO A 258 14.20 19.37 -10.77
N SER A 259 14.55 20.65 -10.82
CA SER A 259 15.95 21.03 -10.87
C SER A 259 16.67 20.70 -9.58
N HIS A 260 15.94 20.49 -8.49
CA HIS A 260 16.58 20.21 -7.20
C HIS A 260 16.90 18.72 -6.98
N PHE A 261 16.40 17.85 -7.87
CA PHE A 261 16.73 16.43 -7.81
C PHE A 261 18.23 16.23 -8.00
N SER A 262 18.85 15.42 -7.13
CA SER A 262 20.25 15.07 -7.27
C SER A 262 20.46 14.19 -8.51
N SER A 263 21.70 14.16 -8.98
CA SER A 263 22.08 13.32 -10.11
C SER A 263 21.79 11.86 -9.81
N ASP A 264 22.17 11.40 -8.62
CA ASP A 264 21.92 10.01 -8.23
C ASP A 264 20.42 9.69 -8.25
N LEU A 265 19.58 10.60 -7.74
CA LEU A 265 18.13 10.35 -7.70
C LEU A 265 17.57 10.21 -9.11
N LYS A 266 17.98 11.12 -9.99
CA LYS A 266 17.53 11.07 -11.38
C LYS A 266 17.96 9.76 -12.05
N ASP A 267 19.21 9.33 -11.84
CA ASP A 267 19.65 8.08 -12.45
C ASP A 267 18.83 6.87 -11.94
N LEU A 268 18.57 6.83 -10.64
CA LEU A 268 17.74 5.77 -10.09
C LEU A 268 16.35 5.76 -10.71
N LEU A 269 15.73 6.92 -10.78
CA LEU A 269 14.38 7.02 -11.28
C LEU A 269 14.31 6.66 -12.77
N ARG A 270 15.35 7.01 -13.53
CA ARG A 270 15.37 6.64 -14.92
C ARG A 270 15.36 5.13 -15.06
N ASN A 271 15.96 4.44 -14.10
CA ASN A 271 16.03 2.99 -14.18
C ASN A 271 14.80 2.29 -13.60
N LEU A 272 14.03 2.99 -12.77
CA LEU A 272 12.78 2.43 -12.24
C LEU A 272 11.60 2.78 -13.16
N LEU A 273 11.56 4.04 -13.60
CA LEU A 273 10.56 4.49 -14.54
C LEU A 273 10.99 4.15 -15.96
N GLN A 274 11.37 2.90 -16.15
CA GLN A 274 11.86 2.37 -17.42
C GLN A 274 10.72 1.60 -18.07
N VAL A 275 10.28 2.07 -19.23
CA VAL A 275 9.15 1.44 -19.94
C VAL A 275 9.46 0.01 -20.37
N ASP A 276 10.71 -0.26 -20.70
CA ASP A 276 11.13 -1.59 -21.17
C ASP A 276 11.52 -2.54 -20.03
N LEU A 277 10.82 -3.67 -19.96
CA LEU A 277 10.94 -4.62 -18.86
C LEU A 277 12.29 -5.30 -18.72
N THR A 278 12.99 -5.47 -19.83
CA THR A 278 14.29 -6.10 -19.81
C THR A 278 15.36 -5.14 -19.32
N LYS A 279 14.95 -3.92 -18.98
CA LYS A 279 15.90 -2.88 -18.58
C LYS A 279 15.51 -2.27 -17.24
N ARG A 280 14.33 -2.59 -16.73
CA ARG A 280 13.86 -1.95 -15.50
C ARG A 280 14.51 -2.56 -14.27
N PHE A 281 15.03 -1.71 -13.40
CA PHE A 281 15.62 -2.15 -12.14
C PHE A 281 14.61 -2.91 -11.30
N GLY A 282 15.07 -3.99 -10.70
CA GLY A 282 14.22 -4.89 -9.92
C GLY A 282 13.84 -6.10 -10.75
N ASN A 283 13.95 -5.95 -12.08
CA ASN A 283 13.58 -7.00 -13.01
C ASN A 283 14.75 -7.52 -13.84
N LEU A 284 15.96 -7.27 -13.39
CA LEU A 284 17.16 -7.73 -14.09
C LEU A 284 17.73 -8.96 -13.37
N LYS A 285 18.84 -9.48 -13.89
CA LYS A 285 19.49 -10.67 -13.34
C LYS A 285 19.81 -10.55 -11.85
N ASN A 286 20.30 -9.38 -11.46
CA ASN A 286 20.68 -9.16 -10.06
C ASN A 286 19.49 -8.76 -9.19
N GLY A 287 18.31 -8.67 -9.78
CA GLY A 287 17.10 -8.43 -9.01
C GLY A 287 17.15 -7.17 -8.17
N VAL A 288 16.64 -7.26 -6.94
CA VAL A 288 16.52 -6.11 -6.07
C VAL A 288 17.88 -5.48 -5.76
N ASN A 289 18.94 -6.26 -5.91
CA ASN A 289 20.28 -5.75 -5.60
C ASN A 289 20.72 -4.58 -6.49
N ASP A 290 20.24 -4.52 -7.73
CA ASP A 290 20.49 -3.35 -8.59
C ASP A 290 19.95 -2.09 -7.95
N ILE A 291 18.84 -2.21 -7.22
CA ILE A 291 18.25 -1.08 -6.53
C ILE A 291 19.04 -0.77 -5.25
N LYS A 292 19.24 -1.79 -4.44
CA LYS A 292 19.93 -1.65 -3.16
C LYS A 292 21.35 -1.13 -3.30
N ASN A 293 22.00 -1.47 -4.41
CA ASN A 293 23.40 -1.10 -4.63
C ASN A 293 23.58 0.20 -5.41
N HIS A 294 22.47 0.82 -5.76
CA HIS A 294 22.51 2.07 -6.50
C HIS A 294 23.11 3.19 -5.64
N LYS A 295 23.83 4.11 -6.28
CA LYS A 295 24.49 5.19 -5.55
C LYS A 295 23.54 6.00 -4.66
N TRP A 296 22.28 6.16 -5.08
CA TRP A 296 21.34 6.96 -4.29
C TRP A 296 21.11 6.34 -2.91
N PHE A 297 21.30 5.02 -2.80
CA PHE A 297 21.13 4.28 -1.54
C PHE A 297 22.47 3.96 -0.86
N ALA A 298 23.54 4.61 -1.30
CA ALA A 298 24.88 4.34 -0.78
C ALA A 298 24.94 4.50 0.74
N THR A 299 24.21 5.48 1.30
CA THR A 299 24.25 5.73 2.74
C THR A 299 23.27 4.87 3.53
N THR A 300 22.50 4.02 2.84
CA THR A 300 21.46 3.23 3.49
C THR A 300 22.04 1.95 4.11
N ASP A 301 21.86 1.82 5.42
CA ASP A 301 22.20 0.61 6.13
C ASP A 301 20.97 -0.28 6.16
N TRP A 302 20.90 -1.20 5.22
CA TRP A 302 19.68 -1.98 5.00
C TRP A 302 19.31 -2.82 6.21
N ILE A 303 20.32 -3.29 6.93
CA ILE A 303 20.11 -4.11 8.11
C ILE A 303 19.52 -3.28 9.26
N ALA A 304 20.05 -2.07 9.44
CA ALA A 304 19.58 -1.17 10.48
C ALA A 304 18.14 -0.72 10.18
N ILE A 305 17.81 -0.50 8.90
CA ILE A 305 16.45 -0.16 8.50
C ILE A 305 15.51 -1.28 8.92
N TYR A 306 15.86 -2.51 8.54
CA TYR A 306 15.02 -3.68 8.88
C TYR A 306 14.83 -3.83 10.39
N GLN A 307 15.89 -3.59 11.15
CA GLN A 307 15.86 -3.72 12.59
C GLN A 307 15.25 -2.49 13.26
N ARG A 308 14.86 -1.49 12.47
CA ARG A 308 14.24 -0.27 13.01
C ARG A 308 15.18 0.51 13.94
N LYS A 309 16.48 0.45 13.68
CA LYS A 309 17.48 1.09 14.53
C LYS A 309 17.90 2.48 14.00
N VAL A 310 17.40 2.82 12.81
CA VAL A 310 17.64 4.15 12.24
C VAL A 310 16.62 5.13 12.80
N GLU A 311 17.08 6.32 13.18
CA GLU A 311 16.15 7.35 13.70
C GLU A 311 15.31 7.88 12.55
N ALA A 312 14.00 7.94 12.74
CA ALA A 312 13.11 8.34 11.66
C ALA A 312 13.23 9.84 11.43
N PRO A 313 13.01 10.29 10.18
CA PRO A 313 12.92 11.73 9.84
C PRO A 313 11.99 12.49 10.78
N PHE A 314 10.91 11.86 11.21
CA PHE A 314 10.05 12.44 12.25
C PHE A 314 9.15 11.39 12.90
N ILE A 315 8.78 11.66 14.14
CA ILE A 315 7.88 10.83 14.92
C ILE A 315 6.56 11.58 15.13
N PRO A 316 5.42 10.92 14.90
CA PRO A 316 4.15 11.57 15.24
C PRO A 316 3.91 11.57 16.74
N LYS A 317 3.66 12.74 17.32
CA LYS A 317 3.32 12.81 18.74
C LYS A 317 1.98 12.14 18.96
N PHE A 318 1.96 11.11 19.80
CA PHE A 318 0.74 10.39 20.13
C PHE A 318 0.31 10.69 21.57
N LYS A 319 -0.58 11.67 21.74
CA LYS A 319 -1.07 12.03 23.06
C LYS A 319 -2.22 11.13 23.49
N GLY A 320 -2.06 9.82 23.32
CA GLY A 320 -3.06 8.86 23.74
C GLY A 320 -3.13 7.68 22.80
N PRO A 321 -3.56 6.51 23.32
CA PRO A 321 -3.63 5.31 22.49
C PRO A 321 -4.72 5.39 21.42
N GLY A 322 -5.68 6.29 21.62
CA GLY A 322 -6.80 6.46 20.71
C GLY A 322 -6.87 7.86 20.12
N ASP A 323 -5.72 8.53 20.05
CA ASP A 323 -5.65 9.85 19.43
C ASP A 323 -5.65 9.72 17.92
N THR A 324 -6.52 10.49 17.24
CA THR A 324 -6.66 10.42 15.78
C THR A 324 -6.32 11.75 15.10
N SER A 325 -5.52 12.57 15.78
CA SER A 325 -5.21 13.91 15.29
C SER A 325 -4.44 13.90 13.97
N ASN A 326 -3.82 12.77 13.64
CA ASN A 326 -3.08 12.62 12.38
C ASN A 326 -3.96 12.08 11.25
N PHE A 327 -5.26 12.04 11.47
CA PHE A 327 -6.22 11.59 10.45
C PHE A 327 -7.23 12.69 10.14
N ASP A 328 -7.68 12.74 8.89
CA ASP A 328 -8.78 13.63 8.51
C ASP A 328 -10.08 13.14 9.12
N ASP A 329 -11.06 14.04 9.14
CA ASP A 329 -12.39 13.72 9.63
C ASP A 329 -13.27 13.26 8.47
N TYR A 330 -14.08 12.23 8.71
CA TYR A 330 -14.96 11.65 7.71
C TYR A 330 -16.40 11.61 8.18
N GLU A 331 -17.32 11.72 7.23
CA GLU A 331 -18.74 11.50 7.49
C GLU A 331 -18.93 10.14 8.14
N GLU A 332 -19.54 10.13 9.32
CA GLU A 332 -19.82 8.89 10.01
C GLU A 332 -21.15 8.31 9.55
N GLU A 333 -21.29 6.99 9.65
CA GLU A 333 -22.52 6.32 9.28
C GLU A 333 -22.76 5.10 10.17
N GLU A 334 -24.02 4.84 10.50
CA GLU A 334 -24.36 3.72 11.36
C GLU A 334 -24.03 2.40 10.67
N ILE A 335 -23.37 1.50 11.39
CA ILE A 335 -23.07 0.18 10.86
C ILE A 335 -24.33 -0.67 10.88
N ARG A 336 -24.95 -0.82 9.71
CA ARG A 336 -26.20 -1.57 9.58
C ARG A 336 -25.95 -3.06 9.33
N VAL A 337 -26.57 -3.91 10.13
CA VAL A 337 -26.46 -5.36 9.94
C VAL A 337 -27.84 -5.95 9.69
N SEP A 338 -28.03 -6.51 8.51
CA SEP A 338 -29.32 -7.07 8.13
CB SEP A 338 -29.37 -7.33 6.64
OG SEP A 338 -30.54 -8.04 6.27
C SEP A 338 -29.64 -8.37 8.88
O SEP A 338 -28.76 -9.15 9.22
P SEP A 338 -31.71 -7.08 5.69
O1P SEP A 338 -32.74 -7.97 4.84
O2P SEP A 338 -31.06 -5.96 4.73
O3P SEP A 338 -32.48 -6.35 6.89
H SEP A 338 -27.43 -6.58 7.90
HA SEP A 338 -30.02 -6.43 8.35
HB2 SEP A 338 -28.59 -7.85 6.38
HB3 SEP A 338 -29.37 -6.48 6.17
N ILE A 339 -30.93 -8.60 9.10
CA ILE A 339 -31.37 -9.82 9.76
C ILE A 339 -31.29 -11.00 8.80
N ASN A 340 -31.01 -10.70 7.53
CA ASN A 340 -30.84 -11.74 6.51
C ASN A 340 -29.40 -11.80 6.01
N GLU A 341 -28.87 -13.01 5.85
CA GLU A 341 -27.51 -13.17 5.35
C GLU A 341 -27.44 -12.80 3.86
N LYS A 342 -26.46 -11.97 3.51
CA LYS A 342 -26.28 -11.55 2.12
C LYS A 342 -25.02 -12.17 1.55
N CYS A 343 -25.08 -12.55 0.27
CA CYS A 343 -23.91 -13.03 -0.47
C CYS A 343 -23.14 -14.12 0.26
N GLY A 344 -23.85 -15.08 0.82
CA GLY A 344 -23.24 -16.13 1.61
C GLY A 344 -22.26 -16.98 0.84
N LYS A 345 -22.67 -17.45 -0.33
CA LYS A 345 -21.87 -18.36 -1.14
C LYS A 345 -20.59 -17.69 -1.62
N GLU A 346 -20.69 -16.44 -2.03
CA GLU A 346 -19.56 -15.70 -2.58
C GLU A 346 -18.42 -15.56 -1.57
N PHE A 347 -18.77 -15.42 -0.30
CA PHE A 347 -17.76 -15.09 0.70
C PHE A 347 -17.58 -16.23 1.69
N SER A 348 -17.90 -17.43 1.24
CA SER A 348 -17.85 -18.61 2.10
C SER A 348 -16.49 -18.82 2.76
N GLU A 349 -15.40 -18.63 2.01
CA GLU A 349 -14.07 -18.91 2.53
C GLU A 349 -13.53 -17.78 3.40
N PHE A 350 -14.18 -16.63 3.35
CA PHE A 350 -13.72 -15.50 4.15
C PHE A 350 -13.84 -15.85 5.62
N THR B 1 4.89 27.18 -12.97
CA THR B 1 5.74 26.06 -12.46
C THR B 1 4.93 24.76 -12.46
N THR B 2 5.65 23.64 -12.41
CA THR B 2 5.01 22.33 -12.37
C THR B 2 4.26 22.15 -11.06
N TYR B 3 4.88 22.59 -9.96
CA TYR B 3 4.22 22.56 -8.66
C TYR B 3 2.89 23.34 -8.75
N ALA B 4 2.94 24.54 -9.29
CA ALA B 4 1.74 25.38 -9.42
C ALA B 4 0.66 24.67 -10.24
N ASP B 5 1.07 24.00 -11.31
CA ASP B 5 0.11 23.31 -12.17
C ASP B 5 -0.51 22.12 -11.44
N PHE B 6 0.29 21.43 -10.63
CA PHE B 6 -0.24 20.32 -9.85
C PHE B 6 -1.29 20.81 -8.84
N ILE B 7 -0.98 21.88 -8.12
CA ILE B 7 -1.84 22.32 -7.04
C ILE B 7 -3.16 22.86 -7.59
N ALA B 8 -3.11 23.37 -8.80
CA ALA B 8 -4.28 23.91 -9.46
C ALA B 8 -5.08 22.79 -10.14
N SER B 9 -4.55 21.56 -10.12
CA SER B 9 -5.21 20.42 -10.76
C SER B 9 -6.21 19.79 -9.82
N GLY B 10 -7.02 18.90 -10.36
CA GLY B 10 -8.05 18.25 -9.58
C GLY B 10 -7.63 16.95 -8.96
N ARG B 11 -6.33 16.67 -8.90
CA ARG B 11 -5.88 15.37 -8.41
C ARG B 11 -4.78 15.47 -7.34
N THR B 12 -4.95 16.44 -6.44
CA THR B 12 -4.08 16.64 -5.29
C THR B 12 -4.67 16.01 -4.02
N GLY B 13 -5.95 15.63 -4.11
CA GLY B 13 -6.64 14.92 -3.05
C GLY B 13 -6.44 13.43 -3.16
N ARG B 14 -7.11 12.67 -2.28
CA ARG B 14 -6.91 11.22 -2.27
C ARG B 14 -7.40 10.64 -3.56
N ARG B 15 -6.61 9.75 -4.14
CA ARG B 15 -6.85 9.23 -5.47
C ARG B 15 -7.54 7.89 -5.37
N ASN B 16 -8.65 7.76 -6.09
CA ASN B 16 -9.38 6.52 -6.10
C ASN B 16 -8.67 5.51 -6.98
N ALA B 17 -8.74 4.25 -6.58
CA ALA B 17 -8.25 3.17 -7.41
C ALA B 17 -9.23 2.88 -8.53
N ILE B 18 -8.73 2.34 -9.64
CA ILE B 18 -9.56 1.81 -10.70
C ILE B 18 -9.45 0.30 -10.71
N HIS B 19 -10.44 -0.37 -11.28
CA HIS B 19 -10.43 -1.82 -11.41
C HIS B 19 -11.32 -2.32 -12.55
N ASP B 20 -11.99 -1.41 -13.26
CA ASP B 20 -12.85 -1.78 -14.38
C4 4L7 C . -9.01 2.86 4.21
C5 4L7 C . -7.50 2.85 4.02
C6 4L7 C . -7.10 3.42 2.65
C7 4L7 C . -5.38 3.91 4.16
BR 4L7 C . -13.27 0.20 1.52
BR 4L7 C . -13.48 0.12 -0.39
C1 4L7 C . -10.40 0.37 1.78
C2 4L7 C . -9.36 1.02 2.48
C3 4L7 C . -9.79 1.96 3.36
C 4L7 C . -11.61 0.82 2.15
O 4L7 C . -9.54 3.59 5.03
N 4L7 C . -5.76 4.02 2.77
O1 4L7 C . -4.61 2.51 11.07
C15 4L7 C . -4.76 1.82 10.06
N1 4L7 C . -4.33 0.49 10.05
C16 4L7 C . -4.48 -0.31 8.96
N2 4L7 C . -5.01 0.08 7.80
C11 4L7 C . -5.45 1.41 7.72
C10 4L7 C . -5.98 1.85 6.51
C12 4L7 C . -5.37 2.28 8.81
C13 4L7 C . -5.90 3.57 8.70
C14 4L7 C . -6.44 4.00 7.49
C9 4L7 C . -6.42 3.17 6.37
C8 4L7 C . -6.68 3.75 5.00
S 4L7 C . -11.54 2.06 3.34
H2 4L7 C . -7.16 1.82 4.08
H4 4L7 C . -7.09 2.65 1.88
H3 4L7 C . -7.88 4.11 2.31
H6 4L7 C . -4.71 3.07 4.27
H7 4L7 C . -4.82 4.78 4.53
H 4L7 C . -10.21 -0.37 1.01
H1 4L7 C . -8.32 0.75 2.30
H5 4L7 C . -5.10 3.58 2.15
H12 4L7 C . -3.88 0.12 10.88
H13 4L7 C . -4.17 -1.35 9.04
H9 4L7 C . -6.03 1.13 5.70
H10 4L7 C . -5.88 4.23 9.56
H11 4L7 C . -6.87 4.99 7.42
H8 4L7 C . -7.14 4.73 5.13
C4 4L7 D . 17.01 -10.89 6.36
C5 4L7 D . 17.42 -10.70 7.80
BR 4L7 D . 13.34 -8.40 2.84
C1 4L7 D . 14.60 -8.17 5.42
C2 4L7 D . 15.50 -8.81 6.29
C3 4L7 D . 16.06 -9.95 5.77
C 4L7 D . 14.48 -8.84 4.26
O 4L7 D . 17.46 -11.82 5.70
S 4L7 D . 15.47 -10.23 4.17
H 4L7 D . 14.11 -7.23 5.64
H1 4L7 D . 15.70 -8.41 7.28
#